data_6Y5P
#
_entry.id   6Y5P
#
_cell.length_a   66.850
_cell.length_b   85.254
_cell.length_c   130.949
_cell.angle_alpha   90.000
_cell.angle_beta   90.000
_cell.angle_gamma   90.000
#
_symmetry.space_group_name_H-M   'P 21 21 21'
#
loop_
_entity.id
_entity.type
_entity.pdbx_description
1 polymer 'E3 ubiquitin-protein ligase DTX1'
2 non-polymer NICOTINAMIDE-ADENINE-DINUCLEOTIDE
3 non-polymer 1,2-ETHANEDIOL
4 non-polymer 'ZINC ION'
5 water water
#
_entity_poly.entity_id   1
_entity_poly.type   'polypeptide(L)'
_entity_poly.pdbx_seq_one_letter_code
;GSKSKNPEDVVRRYMQKVKNPPDEDCTICMERLVTASGYEGVLRHKGVRPELVGRLGRCGHMYHLLCLVAMYSNGNKDGS
LQCPTCKAIYGEKTGTQPPGKMEFHLIPHSLPGFPDTQTIRIVYDIPTGIQGPEHPNPGKKFTARGFPRHCYLPNNEKGR
KVLRLLITAWERRLIFTIGTSNTTGESDTVVWNEIHHKTEFGSNLTGHGYPDASYLDNVLAELTAQGVSEAAAKA
;
_entity_poly.pdbx_strand_id   A,B
#
# COMPACT_ATOMS: atom_id res chain seq x y z
N LYS A 3 15.32 -6.65 19.58
CA LYS A 3 16.67 -6.20 19.22
C LYS A 3 16.55 -4.76 18.72
N SER A 4 17.61 -3.96 18.83
CA SER A 4 17.48 -2.56 18.47
C SER A 4 17.13 -2.42 16.98
N LYS A 5 16.22 -1.51 16.67
CA LYS A 5 15.84 -1.21 15.28
C LYS A 5 16.55 0.03 14.74
N ASN A 6 17.50 0.58 15.50
CA ASN A 6 18.25 1.77 15.13
C ASN A 6 19.16 1.49 13.93
N PRO A 7 19.33 2.45 13.03
CA PRO A 7 20.08 2.16 11.79
C PRO A 7 21.46 1.57 12.05
N GLU A 8 22.28 2.16 12.90
CA GLU A 8 23.63 1.63 13.04
C GLU A 8 23.62 0.22 13.63
N ASP A 9 22.77 -0.02 14.62
CA ASP A 9 22.73 -1.35 15.23
C ASP A 9 22.24 -2.41 14.26
N VAL A 10 21.18 -2.12 13.49
CA VAL A 10 20.66 -3.10 12.54
C VAL A 10 21.69 -3.41 11.48
N VAL A 11 22.30 -2.37 10.93
CA VAL A 11 23.27 -2.59 9.86
C VAL A 11 24.47 -3.35 10.39
N ARG A 12 24.99 -2.94 11.55
CA ARG A 12 26.13 -3.67 12.10
C ARG A 12 25.80 -5.13 12.39
N ARG A 13 24.55 -5.43 12.71
CA ARG A 13 24.16 -6.80 13.00
C ARG A 13 24.37 -7.73 11.80
N TYR A 14 24.14 -7.24 10.59
CA TYR A 14 24.14 -8.08 9.40
C TYR A 14 25.31 -7.89 8.47
N MET A 15 26.20 -6.97 8.79
CA MET A 15 27.35 -6.65 7.95
C MET A 15 28.60 -7.26 8.53
N GLN A 16 29.37 -7.94 7.70
CA GLN A 16 30.64 -8.54 8.12
C GLN A 16 31.81 -7.75 7.55
N LYS A 17 32.69 -7.29 8.43
CA LYS A 17 33.78 -6.43 7.98
C LYS A 17 34.65 -7.13 6.94
N VAL A 18 35.07 -6.33 5.95
CA VAL A 18 36.00 -6.70 4.89
C VAL A 18 37.25 -5.86 5.07
N LYS A 19 38.38 -6.50 5.32
CA LYS A 19 39.60 -5.72 5.55
C LYS A 19 40.15 -5.16 4.24
N ASN A 20 40.13 -5.95 3.16
CA ASN A 20 40.74 -5.54 1.89
C ASN A 20 39.69 -5.58 0.79
N PRO A 21 38.84 -4.56 0.70
CA PRO A 21 37.79 -4.60 -0.31
C PRO A 21 38.34 -4.42 -1.70
N PRO A 22 37.63 -4.92 -2.71
CA PRO A 22 38.07 -4.73 -4.09
C PRO A 22 37.75 -3.33 -4.60
N ASP A 23 38.44 -3.00 -5.69
CA ASP A 23 38.28 -1.71 -6.35
C ASP A 23 37.06 -1.77 -7.27
N GLU A 24 35.91 -1.94 -6.63
CA GLU A 24 34.62 -2.01 -7.30
C GLU A 24 33.65 -1.06 -6.61
N ASP A 25 32.59 -0.74 -7.36
CA ASP A 25 31.63 0.26 -6.92
C ASP A 25 30.80 -0.25 -5.76
N CYS A 26 30.65 0.57 -4.73
CA CYS A 26 29.53 0.45 -3.81
C CYS A 26 28.27 0.85 -4.56
N THR A 27 27.31 -0.04 -4.69
CA THR A 27 26.17 0.32 -5.51
C THR A 27 25.11 1.11 -4.75
N ILE A 28 25.40 1.58 -3.54
CA ILE A 28 24.55 2.56 -2.89
C ILE A 28 25.03 3.97 -3.22
N CYS A 29 26.30 4.28 -2.92
CA CYS A 29 26.79 5.64 -3.13
C CYS A 29 27.49 5.83 -4.47
N MET A 30 27.79 4.74 -5.17
CA MET A 30 28.50 4.72 -6.46
C MET A 30 29.90 5.29 -6.38
N GLU A 31 30.51 5.30 -5.21
CA GLU A 31 31.94 5.44 -5.06
C GLU A 31 32.57 4.07 -4.89
N ARG A 32 33.85 3.96 -5.21
CA ARG A 32 34.54 2.69 -5.08
C ARG A 32 34.63 2.25 -3.62
N LEU A 33 34.61 0.94 -3.40
CA LEU A 33 34.68 0.42 -2.06
C LEU A 33 36.02 0.67 -1.40
N VAL A 34 37.07 0.99 -2.17
CA VAL A 34 38.40 1.27 -1.60
C VAL A 34 38.57 2.73 -1.24
N THR A 35 37.56 3.54 -1.44
CA THR A 35 37.56 4.92 -0.96
C THR A 35 36.41 5.14 0.02
N ALA A 36 36.33 6.35 0.56
CA ALA A 36 35.30 6.71 1.52
C ALA A 36 33.91 6.69 0.91
N SER A 37 32.93 6.28 1.73
CA SER A 37 31.53 6.41 1.38
C SER A 37 31.24 7.78 0.79
N GLY A 38 30.34 7.82 -0.18
CA GLY A 38 29.90 9.08 -0.75
C GLY A 38 28.82 9.79 0.04
N TYR A 39 28.29 9.16 1.09
CA TYR A 39 27.27 9.80 1.91
C TYR A 39 27.84 10.94 2.72
N GLU A 40 27.18 12.11 2.67
CA GLU A 40 27.63 13.23 3.50
C GLU A 40 26.51 13.86 4.34
N GLY A 41 25.43 13.15 4.57
CA GLY A 41 24.34 13.66 5.39
C GLY A 41 24.65 13.65 6.88
N VAL A 42 23.60 13.93 7.65
CA VAL A 42 23.78 14.24 9.06
C VAL A 42 24.32 13.03 9.84
N LEU A 43 24.08 11.81 9.36
CA LEU A 43 24.52 10.64 10.11
C LEU A 43 26.03 10.38 10.00
N ARG A 44 26.73 11.09 9.10
CA ARG A 44 28.16 10.87 8.99
C ARG A 44 28.90 11.45 10.18
N HIS A 45 28.38 12.54 10.73
CA HIS A 45 29.07 13.23 11.81
C HIS A 45 29.18 12.32 13.03
N LYS A 46 30.42 12.03 13.43
CA LYS A 46 30.68 11.14 14.56
C LYS A 46 29.97 9.80 14.39
N GLY A 47 29.89 9.32 13.16
CA GLY A 47 29.25 8.05 12.94
C GLY A 47 30.19 6.98 12.45
N VAL A 48 29.63 5.99 11.75
CA VAL A 48 30.44 4.93 11.14
C VAL A 48 31.56 5.54 10.33
N ARG A 49 32.79 5.05 10.54
CA ARG A 49 33.91 5.51 9.71
C ARG A 49 33.58 5.28 8.23
N PRO A 50 33.81 6.27 7.37
CA PRO A 50 33.31 6.18 5.97
C PRO A 50 34.00 5.16 5.13
N GLU A 51 35.19 4.69 5.52
CA GLU A 51 35.95 3.72 4.75
C GLU A 51 35.57 2.29 5.04
N LEU A 52 34.79 2.06 6.08
CA LEU A 52 34.46 0.71 6.51
C LEU A 52 33.53 0.04 5.50
N VAL A 53 33.88 -1.16 5.11
CA VAL A 53 33.14 -1.94 4.13
C VAL A 53 32.76 -3.26 4.75
N GLY A 54 31.57 -3.73 4.43
CA GLY A 54 31.12 -5.01 4.92
C GLY A 54 30.40 -5.82 3.85
N ARG A 55 30.31 -7.14 4.11
CA ARG A 55 29.54 -8.07 3.31
C ARG A 55 28.21 -8.27 4.03
N LEU A 56 27.13 -8.14 3.27
CA LEU A 56 25.78 -8.16 3.85
C LEU A 56 25.19 -9.57 3.92
N GLY A 57 24.84 -9.99 5.12
CA GLY A 57 24.05 -11.19 5.36
C GLY A 57 24.56 -12.42 4.62
N ARG A 58 23.62 -13.19 4.07
CA ARG A 58 23.91 -14.45 3.41
C ARG A 58 24.34 -14.24 1.96
N CYS A 59 23.89 -13.17 1.31
CA CYS A 59 24.26 -12.99 -0.08
C CYS A 59 25.66 -12.44 -0.22
N GLY A 60 26.16 -11.77 0.81
CA GLY A 60 27.53 -11.30 0.77
C GLY A 60 27.78 -10.03 -0.02
N HIS A 61 26.75 -9.34 -0.50
CA HIS A 61 27.02 -8.17 -1.30
C HIS A 61 27.65 -7.09 -0.43
N MET A 62 28.56 -6.34 -1.03
CA MET A 62 29.44 -5.45 -0.27
C MET A 62 29.04 -3.98 -0.42
N TYR A 63 29.09 -3.27 0.69
CA TYR A 63 28.76 -1.84 0.75
C TYR A 63 29.64 -1.17 1.79
N HIS A 64 29.83 0.15 1.65
CA HIS A 64 30.26 0.94 2.80
C HIS A 64 29.21 0.77 3.88
N LEU A 65 29.66 0.49 5.09
CA LEU A 65 28.71 0.37 6.19
C LEU A 65 27.89 1.66 6.31
N LEU A 66 28.55 2.81 6.19
CA LEU A 66 27.86 4.10 6.33
C LEU A 66 26.74 4.23 5.32
N CYS A 67 26.97 3.74 4.09
CA CYS A 67 25.94 3.82 3.06
C CYS A 67 24.70 3.02 3.43
N LEU A 68 24.90 1.83 3.97
CA LEU A 68 23.72 1.03 4.30
C LEU A 68 22.99 1.61 5.51
N VAL A 69 23.74 2.23 6.43
CA VAL A 69 23.12 2.94 7.54
C VAL A 69 22.20 4.04 7.02
N ALA A 70 22.71 4.84 6.06
CA ALA A 70 21.90 5.91 5.48
C ALA A 70 20.68 5.36 4.75
N MET A 71 20.87 4.33 3.94
CA MET A 71 19.76 3.78 3.20
C MET A 71 18.69 3.27 4.17
N TYR A 72 19.11 2.53 5.20
CA TYR A 72 18.16 1.99 6.17
C TYR A 72 17.44 3.12 6.90
N SER A 73 18.17 4.18 7.23
CA SER A 73 17.58 5.32 7.91
C SER A 73 16.50 6.01 7.07
N ASN A 74 16.61 5.97 5.76
CA ASN A 74 15.66 6.64 4.88
C ASN A 74 14.43 5.78 4.62
N GLY A 75 14.37 4.59 5.20
CA GLY A 75 13.22 3.72 5.07
C GLY A 75 12.35 3.77 6.32
N ASN A 76 11.57 2.72 6.51
CA ASN A 76 10.65 2.63 7.64
C ASN A 76 11.35 2.30 8.95
N LYS A 77 12.61 1.87 8.90
CA LYS A 77 13.34 1.46 10.10
C LYS A 77 12.54 0.45 10.89
N ASP A 78 12.07 -0.59 10.21
CA ASP A 78 11.24 -1.61 10.84
C ASP A 78 12.03 -2.83 11.32
N GLY A 79 13.35 -2.75 11.34
CA GLY A 79 14.18 -3.83 11.78
C GLY A 79 14.62 -4.81 10.69
N SER A 80 14.06 -4.68 9.48
CA SER A 80 14.49 -5.49 8.35
C SER A 80 15.41 -4.66 7.45
N LEU A 81 16.35 -5.33 6.83
CA LEU A 81 17.36 -4.67 6.02
C LEU A 81 17.38 -5.38 4.68
N GLN A 82 17.13 -4.65 3.61
CA GLN A 82 17.09 -5.25 2.28
C GLN A 82 18.37 -4.98 1.52
N CYS A 83 18.92 -6.01 0.90
CA CYS A 83 20.07 -5.82 0.00
C CYS A 83 19.64 -5.08 -1.26
N PRO A 84 20.20 -3.91 -1.58
CA PRO A 84 19.79 -3.22 -2.82
C PRO A 84 20.21 -3.93 -4.10
N THR A 85 21.15 -4.87 -4.03
CA THR A 85 21.59 -5.54 -5.24
C THR A 85 20.68 -6.71 -5.58
N CYS A 86 20.42 -7.61 -4.62
CA CYS A 86 19.67 -8.82 -4.93
C CYS A 86 18.31 -8.88 -4.26
N LYS A 87 17.97 -7.89 -3.45
CA LYS A 87 16.68 -7.70 -2.81
C LYS A 87 16.36 -8.74 -1.74
N ALA A 88 17.34 -9.57 -1.34
CA ALA A 88 17.17 -10.35 -0.13
C ALA A 88 16.95 -9.44 1.08
N ILE A 89 16.16 -9.95 2.04
CA ILE A 89 15.80 -9.20 3.24
C ILE A 89 16.32 -9.94 4.48
N TYR A 90 16.99 -9.21 5.35
CA TYR A 90 17.54 -9.73 6.58
C TYR A 90 16.86 -9.03 7.75
N GLY A 91 16.70 -9.78 8.81
CA GLY A 91 16.07 -9.31 10.02
C GLY A 91 14.56 -9.39 9.95
N GLU A 92 13.95 -9.09 11.07
CA GLU A 92 12.53 -9.31 11.25
C GLU A 92 11.82 -7.96 11.25
N LYS A 93 10.86 -7.82 10.34
CA LYS A 93 10.06 -6.61 10.30
C LYS A 93 9.11 -6.60 11.48
N THR A 94 9.14 -5.53 12.27
CA THR A 94 8.16 -5.36 13.34
C THR A 94 7.57 -3.97 13.25
N GLY A 95 6.41 -3.78 13.89
CA GLY A 95 5.67 -2.55 13.75
C GLY A 95 5.54 -1.73 15.02
N THR A 96 4.54 -0.85 15.05
CA THR A 96 4.36 0.10 16.15
C THR A 96 3.03 -0.11 16.87
N GLN A 97 2.40 -1.24 16.66
CA GLN A 97 1.15 -1.57 17.33
C GLN A 97 1.26 -1.33 18.84
N PRO A 98 0.32 -0.61 19.44
CA PRO A 98 0.37 -0.37 20.90
C PRO A 98 -0.10 -1.58 21.69
N PRO A 99 -0.02 -1.54 23.01
CA PRO A 99 -0.42 -2.70 23.84
C PRO A 99 -1.89 -3.03 23.69
N GLY A 100 -2.20 -4.30 23.84
CA GLY A 100 -3.57 -4.74 23.83
C GLY A 100 -3.64 -6.23 23.97
N LYS A 101 -4.77 -6.79 23.59
CA LYS A 101 -5.01 -8.23 23.72
C LYS A 101 -5.60 -8.77 22.44
N MET A 102 -5.16 -9.97 22.09
CA MET A 102 -5.71 -10.75 20.98
C MET A 102 -6.25 -12.04 21.55
N GLU A 103 -7.52 -12.32 21.27
CA GLU A 103 -8.17 -13.54 21.72
C GLU A 103 -8.83 -14.21 20.52
N PHE A 104 -8.95 -15.54 20.57
CA PHE A 104 -9.69 -16.22 19.52
C PHE A 104 -10.32 -17.50 20.09
N HIS A 105 -11.46 -17.87 19.51
CA HIS A 105 -12.05 -19.18 19.79
C HIS A 105 -13.01 -19.52 18.67
N LEU A 106 -13.53 -20.74 18.72
CA LEU A 106 -14.37 -21.25 17.66
C LEU A 106 -15.83 -20.96 17.98
N ILE A 107 -16.58 -20.60 16.96
CA ILE A 107 -18.03 -20.50 17.13
C ILE A 107 -18.74 -21.42 16.16
N PRO A 108 -19.93 -21.93 16.52
CA PRO A 108 -20.63 -22.96 15.72
C PRO A 108 -21.53 -22.37 14.63
N HIS A 109 -20.91 -21.61 13.75
CA HIS A 109 -21.56 -20.92 12.65
C HIS A 109 -20.62 -20.95 11.45
N SER A 110 -21.17 -21.19 10.27
CA SER A 110 -20.39 -21.23 9.05
C SER A 110 -20.44 -19.89 8.33
N LEU A 111 -19.31 -19.47 7.84
CA LEU A 111 -19.22 -18.25 7.04
C LEU A 111 -19.79 -18.49 5.65
N PRO A 112 -20.39 -17.47 5.04
CA PRO A 112 -20.75 -17.58 3.63
C PRO A 112 -19.56 -18.06 2.81
N GLY A 113 -19.82 -19.08 1.98
CA GLY A 113 -18.81 -19.68 1.15
C GLY A 113 -17.98 -20.76 1.82
N PHE A 114 -18.23 -21.05 3.11
CA PHE A 114 -17.53 -22.10 3.84
C PHE A 114 -18.54 -22.96 4.57
N PRO A 115 -19.43 -23.61 3.83
CA PRO A 115 -20.44 -24.45 4.45
C PRO A 115 -19.82 -25.58 5.28
N ASP A 116 -20.58 -25.97 6.31
CA ASP A 116 -20.26 -27.11 7.16
C ASP A 116 -18.95 -26.92 7.91
N THR A 117 -18.63 -25.67 8.26
CA THR A 117 -17.48 -25.38 9.09
C THR A 117 -17.90 -24.60 10.33
N GLN A 118 -16.98 -24.56 11.26
CA GLN A 118 -17.05 -23.59 12.33
C GLN A 118 -16.22 -22.39 11.92
N THR A 119 -16.32 -21.32 12.72
CA THR A 119 -15.63 -20.09 12.43
C THR A 119 -14.69 -19.76 13.57
N ILE A 120 -13.46 -19.37 13.22
CA ILE A 120 -12.50 -18.80 14.14
C ILE A 120 -12.89 -17.34 14.31
N ARG A 121 -13.27 -16.97 15.52
CA ARG A 121 -13.57 -15.58 15.84
C ARG A 121 -12.38 -14.99 16.58
N ILE A 122 -11.78 -13.96 16.00
CA ILE A 122 -10.64 -13.25 16.59
C ILE A 122 -11.16 -11.94 17.16
N VAL A 123 -10.76 -11.62 18.39
CA VAL A 123 -11.11 -10.34 18.99
C VAL A 123 -9.83 -9.63 19.37
N TYR A 124 -9.68 -8.40 18.88
CA TYR A 124 -8.58 -7.54 19.26
C TYR A 124 -9.12 -6.44 20.18
N ASP A 125 -8.42 -6.20 21.27
CA ASP A 125 -8.82 -5.15 22.20
C ASP A 125 -7.60 -4.31 22.54
N ILE A 126 -7.66 -3.02 22.20
CA ILE A 126 -6.55 -2.10 22.36
C ILE A 126 -7.08 -0.87 23.10
N PRO A 127 -6.58 -0.56 24.29
CA PRO A 127 -7.02 0.63 25.00
C PRO A 127 -6.28 1.87 24.52
N THR A 128 -6.87 3.02 24.83
CA THR A 128 -6.17 4.27 24.58
C THR A 128 -4.88 4.30 25.40
N GLY A 129 -4.00 5.20 25.00
CA GLY A 129 -2.72 5.29 25.67
C GLY A 129 -1.95 6.54 25.26
N ILE A 130 -0.66 6.53 25.59
CA ILE A 130 0.25 7.62 25.26
C ILE A 130 1.20 7.13 24.18
N GLN A 131 1.34 7.91 23.13
CA GLN A 131 2.28 7.55 22.07
C GLN A 131 3.71 7.51 22.60
N GLY A 132 4.42 6.47 22.17
CA GLY A 132 5.80 6.29 22.49
C GLY A 132 6.72 6.91 21.45
N PRO A 133 8.03 6.71 21.65
CA PRO A 133 9.02 7.27 20.73
C PRO A 133 8.93 6.70 19.34
N GLU A 134 8.35 5.51 19.17
CA GLU A 134 8.19 4.90 17.87
C GLU A 134 7.01 5.47 17.10
N HIS A 135 6.20 6.31 17.71
CA HIS A 135 4.94 6.79 17.18
C HIS A 135 5.09 8.18 16.59
N PRO A 136 4.08 8.65 15.86
CA PRO A 136 4.24 9.91 15.12
C PRO A 136 4.41 11.11 16.02
N ASN A 137 3.77 11.12 17.18
CA ASN A 137 3.75 12.30 18.05
C ASN A 137 4.03 11.84 19.48
N PRO A 138 5.27 11.47 19.77
CA PRO A 138 5.59 10.89 21.08
C PRO A 138 5.10 11.77 22.23
N GLY A 139 4.43 11.16 23.22
CA GLY A 139 3.92 11.86 24.37
C GLY A 139 2.49 12.34 24.23
N LYS A 140 1.99 12.41 23.01
CA LYS A 140 0.61 12.75 22.79
C LYS A 140 -0.25 11.50 22.95
N LYS A 141 -1.45 11.69 23.45
CA LYS A 141 -2.43 10.61 23.56
C LYS A 141 -2.72 10.01 22.18
N PHE A 142 -3.12 8.74 22.16
CA PHE A 142 -3.74 8.16 20.96
C PHE A 142 -5.08 7.60 21.36
N THR A 143 -6.05 7.75 20.46
CA THR A 143 -7.37 7.20 20.66
C THR A 143 -7.43 5.79 20.06
N ALA A 144 -8.43 5.05 20.46
CA ALA A 144 -8.64 3.67 20.00
C ALA A 144 -10.14 3.51 19.84
N ARG A 145 -10.61 3.51 18.58
CA ARG A 145 -12.03 3.53 18.27
C ARG A 145 -12.51 2.15 17.84
N GLY A 146 -13.71 1.80 18.29
CA GLY A 146 -14.37 0.62 17.81
C GLY A 146 -13.85 -0.67 18.40
N PHE A 147 -13.09 -0.61 19.48
CA PHE A 147 -12.60 -1.81 20.12
C PHE A 147 -13.54 -2.25 21.23
N PRO A 148 -13.66 -3.56 21.44
CA PRO A 148 -12.98 -4.69 20.75
C PRO A 148 -13.46 -4.87 19.29
N ARG A 149 -12.50 -5.13 18.39
CA ARG A 149 -12.79 -5.39 16.98
C ARG A 149 -12.81 -6.89 16.74
N HIS A 150 -13.94 -7.38 16.20
CA HIS A 150 -14.18 -8.79 15.95
C HIS A 150 -13.90 -9.09 14.49
N CYS A 151 -13.23 -10.22 14.25
N CYS A 151 -13.26 -10.23 14.23
CA CYS A 151 -12.82 -10.65 12.92
CA CYS A 151 -13.08 -10.62 12.84
C CYS A 151 -13.15 -12.13 12.75
C CYS A 151 -13.05 -12.14 12.75
N TYR A 152 -13.09 -12.63 11.51
CA TYR A 152 -13.54 -14.00 11.28
C TYR A 152 -12.71 -14.69 10.21
N LEU A 153 -12.45 -15.97 10.44
CA LEU A 153 -11.78 -16.88 9.51
C LEU A 153 -12.53 -18.20 9.58
N PRO A 154 -12.67 -18.92 8.47
CA PRO A 154 -13.23 -20.27 8.55
C PRO A 154 -12.24 -21.20 9.22
N ASN A 155 -12.76 -22.14 10.01
CA ASN A 155 -11.90 -23.14 10.65
C ASN A 155 -11.67 -24.31 9.69
N ASN A 156 -10.82 -24.05 8.71
CA ASN A 156 -10.35 -25.07 7.79
C ASN A 156 -8.84 -24.95 7.74
N GLU A 157 -8.19 -25.77 6.92
CA GLU A 157 -6.73 -25.83 6.92
C GLU A 157 -6.12 -24.46 6.65
N LYS A 158 -6.62 -23.78 5.62
CA LYS A 158 -6.02 -22.52 5.23
C LYS A 158 -6.35 -21.43 6.24
N GLY A 159 -7.56 -21.43 6.79
CA GLY A 159 -7.88 -20.47 7.83
C GLY A 159 -7.01 -20.64 9.07
N ARG A 160 -6.73 -21.89 9.45
CA ARG A 160 -5.85 -22.09 10.61
C ARG A 160 -4.43 -21.63 10.32
N LYS A 161 -3.97 -21.78 9.09
CA LYS A 161 -2.66 -21.24 8.73
C LYS A 161 -2.65 -19.73 8.84
N VAL A 162 -3.68 -19.08 8.30
CA VAL A 162 -3.79 -17.64 8.46
C VAL A 162 -3.79 -17.26 9.94
N LEU A 163 -4.56 -17.96 10.77
CA LEU A 163 -4.56 -17.65 12.20
C LEU A 163 -3.14 -17.74 12.79
N ARG A 164 -2.40 -18.82 12.46
CA ARG A 164 -1.06 -18.95 13.02
C ARG A 164 -0.21 -17.75 12.65
N LEU A 165 -0.31 -17.32 11.40
CA LEU A 165 0.49 -16.19 10.93
C LEU A 165 0.00 -14.86 11.52
N LEU A 166 -1.32 -14.68 11.68
CA LEU A 166 -1.81 -13.48 12.35
C LEU A 166 -1.31 -13.37 13.79
N ILE A 167 -1.21 -14.50 14.49
CA ILE A 167 -0.67 -14.48 15.84
C ILE A 167 0.76 -13.99 15.80
N THR A 168 1.53 -14.49 14.83
CA THR A 168 2.91 -14.04 14.68
C THR A 168 2.95 -12.54 14.35
N ALA A 169 2.12 -12.10 13.42
CA ALA A 169 2.08 -10.68 13.08
C ALA A 169 1.70 -9.85 14.30
N TRP A 170 0.76 -10.33 15.11
CA TRP A 170 0.38 -9.61 16.32
C TRP A 170 1.58 -9.48 17.27
N GLU A 171 2.32 -10.57 17.47
CA GLU A 171 3.48 -10.53 18.35
C GLU A 171 4.57 -9.60 17.81
N ARG A 172 4.61 -9.46 16.48
CA ARG A 172 5.56 -8.55 15.84
C ARG A 172 5.00 -7.14 15.69
N ARG A 173 3.84 -6.89 16.30
CA ARG A 173 3.26 -5.55 16.39
C ARG A 173 2.92 -5.00 15.01
N LEU A 174 2.39 -5.88 14.13
CA LEU A 174 2.09 -5.55 12.75
C LEU A 174 0.62 -5.42 12.42
N ILE A 175 -0.29 -5.82 13.32
CA ILE A 175 -1.70 -5.81 12.93
C ILE A 175 -2.26 -4.40 12.92
N PHE A 176 -1.93 -3.58 13.92
CA PHE A 176 -2.40 -2.22 13.98
C PHE A 176 -1.20 -1.27 14.02
N THR A 177 -1.47 -0.01 13.72
CA THR A 177 -0.46 1.02 13.88
C THR A 177 -1.17 2.25 14.43
N ILE A 178 -0.40 3.30 14.69
CA ILE A 178 -0.95 4.59 15.09
C ILE A 178 -0.72 5.56 13.94
N GLY A 179 -1.80 6.19 13.52
CA GLY A 179 -1.79 7.14 12.42
C GLY A 179 -3.15 7.76 12.21
N THR A 180 -3.48 8.03 10.95
CA THR A 180 -4.73 8.68 10.59
C THR A 180 -5.67 7.68 9.92
N SER A 181 -6.90 7.64 10.43
CA SER A 181 -7.94 6.76 9.89
C SER A 181 -8.39 7.28 8.53
N ASN A 182 -8.31 6.42 7.51
CA ASN A 182 -8.84 6.74 6.19
C ASN A 182 -10.35 6.76 6.20
N THR A 183 -10.99 6.22 7.23
CA THR A 183 -12.44 6.17 7.32
C THR A 183 -13.03 7.41 8.01
N THR A 184 -12.36 7.90 9.05
CA THR A 184 -12.90 8.99 9.87
C THR A 184 -12.08 10.27 9.77
N GLY A 185 -10.88 10.22 9.20
CA GLY A 185 -9.97 11.35 9.17
C GLY A 185 -9.27 11.66 10.48
N GLU A 186 -9.64 11.00 11.57
CA GLU A 186 -9.02 11.27 12.86
C GLU A 186 -7.54 10.88 12.85
N SER A 187 -6.68 11.79 13.33
CA SER A 187 -5.26 11.49 13.48
C SER A 187 -4.98 10.93 14.88
N ASP A 188 -3.75 10.49 15.10
CA ASP A 188 -3.31 10.00 16.42
C ASP A 188 -4.26 8.91 16.92
N THR A 189 -4.55 7.93 16.05
CA THR A 189 -5.54 6.93 16.42
C THR A 189 -5.08 5.56 15.95
N VAL A 190 -5.58 4.53 16.60
CA VAL A 190 -5.19 3.17 16.26
C VAL A 190 -5.93 2.75 15.01
N VAL A 191 -5.19 2.32 13.99
CA VAL A 191 -5.79 1.95 12.72
C VAL A 191 -5.28 0.59 12.31
N TRP A 192 -6.10 -0.11 11.53
CA TRP A 192 -5.62 -1.31 10.85
C TRP A 192 -4.41 -0.97 10.01
N ASN A 193 -3.46 -1.88 10.00
CA ASN A 193 -2.29 -1.75 9.18
C ASN A 193 -2.53 -2.39 7.82
N GLU A 194 -1.58 -3.14 7.26
CA GLU A 194 -1.72 -3.58 5.87
C GLU A 194 -2.13 -5.05 5.74
N ILE A 195 -2.70 -5.63 6.78
CA ILE A 195 -3.14 -7.03 6.76
C ILE A 195 -4.65 -7.01 6.93
N HIS A 196 -5.36 -7.32 5.86
CA HIS A 196 -6.80 -7.15 5.88
C HIS A 196 -7.48 -8.21 6.72
N HIS A 197 -8.45 -7.77 7.51
CA HIS A 197 -9.28 -8.66 8.32
C HIS A 197 -10.73 -8.53 7.91
N LYS A 198 -11.46 -9.64 8.02
CA LYS A 198 -12.87 -9.68 7.67
C LYS A 198 -13.66 -9.42 8.95
N THR A 199 -14.32 -8.27 9.03
CA THR A 199 -15.06 -7.85 10.21
C THR A 199 -16.57 -8.00 10.01
N GLU A 200 -17.01 -8.40 8.83
CA GLU A 200 -18.42 -8.58 8.54
C GLU A 200 -18.66 -10.06 8.26
N PHE A 201 -19.51 -10.71 9.07
CA PHE A 201 -19.64 -12.18 9.07
C PHE A 201 -20.50 -12.69 7.92
N GLY A 202 -21.74 -12.22 7.82
CA GLY A 202 -22.75 -12.87 7.02
C GLY A 202 -23.04 -12.17 5.70
N SER A 203 -22.23 -11.18 5.32
CA SER A 203 -22.46 -10.37 4.13
C SER A 203 -21.18 -9.59 3.84
N ASN A 204 -21.16 -8.90 2.70
CA ASN A 204 -19.98 -8.18 2.27
C ASN A 204 -20.34 -6.79 1.76
N LEU A 205 -21.35 -6.17 2.39
CA LEU A 205 -21.76 -4.81 2.03
C LEU A 205 -20.68 -3.79 2.34
N THR A 206 -19.77 -4.09 3.28
CA THR A 206 -18.69 -3.18 3.60
C THR A 206 -17.43 -3.42 2.78
N GLY A 207 -17.37 -4.51 2.01
CA GLY A 207 -16.11 -4.94 1.42
C GLY A 207 -15.18 -5.67 2.37
N HIS A 208 -15.53 -5.74 3.65
CA HIS A 208 -14.70 -6.40 4.65
C HIS A 208 -15.39 -7.64 5.17
N GLY A 209 -16.18 -8.28 4.31
CA GLY A 209 -16.99 -9.40 4.71
C GLY A 209 -16.91 -10.59 3.79
N TYR A 210 -17.87 -11.47 3.91
CA TYR A 210 -17.95 -12.72 3.19
C TYR A 210 -19.28 -12.77 2.46
N PRO A 211 -19.39 -13.55 1.36
CA PRO A 211 -18.34 -14.42 0.80
C PRO A 211 -17.24 -13.70 0.07
N ASP A 212 -16.06 -14.31 0.04
CA ASP A 212 -14.90 -13.77 -0.67
C ASP A 212 -13.92 -14.92 -0.88
N ALA A 213 -13.99 -15.56 -2.06
CA ALA A 213 -13.21 -16.77 -2.28
C ALA A 213 -11.71 -16.49 -2.39
N SER A 214 -11.34 -15.22 -2.61
N SER A 214 -11.33 -15.23 -2.62
CA SER A 214 -9.94 -14.86 -2.74
CA SER A 214 -9.93 -14.87 -2.76
C SER A 214 -9.30 -14.46 -1.42
C SER A 214 -9.34 -14.24 -1.50
N TYR A 215 -10.09 -14.14 -0.40
CA TYR A 215 -9.56 -13.51 0.80
C TYR A 215 -8.38 -14.28 1.40
N LEU A 216 -8.54 -15.58 1.66
CA LEU A 216 -7.47 -16.27 2.38
C LEU A 216 -6.15 -16.22 1.62
N ASP A 217 -6.19 -16.42 0.30
CA ASP A 217 -4.95 -16.25 -0.48
C ASP A 217 -4.46 -14.80 -0.45
N ASN A 218 -5.37 -13.83 -0.51
CA ASN A 218 -4.96 -12.43 -0.46
C ASN A 218 -4.27 -12.08 0.85
N VAL A 219 -4.86 -12.46 1.99
CA VAL A 219 -4.24 -12.11 3.26
C VAL A 219 -2.94 -12.89 3.47
N LEU A 220 -2.82 -14.11 2.96
CA LEU A 220 -1.52 -14.79 3.03
C LEU A 220 -0.43 -14.00 2.29
N ALA A 221 -0.78 -13.44 1.14
CA ALA A 221 0.16 -12.60 0.40
C ALA A 221 0.51 -11.33 1.19
N GLU A 222 -0.49 -10.72 1.83
CA GLU A 222 -0.22 -9.53 2.63
C GLU A 222 0.71 -9.87 3.77
N LEU A 223 0.50 -11.02 4.40
CA LEU A 223 1.35 -11.41 5.52
C LEU A 223 2.79 -11.62 5.04
N THR A 224 2.95 -12.31 3.92
CA THR A 224 4.28 -12.55 3.36
C THR A 224 4.98 -11.22 3.07
N ALA A 225 4.23 -10.24 2.57
CA ALA A 225 4.79 -8.91 2.32
C ALA A 225 5.28 -8.22 3.58
N GLN A 226 4.74 -8.58 4.76
CA GLN A 226 5.19 -8.02 6.03
C GLN A 226 6.17 -8.95 6.73
N GLY A 227 6.73 -9.91 5.98
CA GLY A 227 7.76 -10.80 6.51
C GLY A 227 7.23 -11.95 7.32
N VAL A 228 5.93 -12.26 7.20
CA VAL A 228 5.27 -13.29 8.00
C VAL A 228 4.83 -14.41 7.06
N SER A 229 5.57 -15.53 7.13
CA SER A 229 5.43 -16.67 6.24
C SER A 229 5.76 -17.95 6.99
N GLU A 230 5.30 -19.06 6.41
CA GLU A 230 5.58 -20.40 6.91
C GLU A 230 6.46 -21.16 5.92
N LYS B 3 -16.32 11.18 -16.60
CA LYS B 3 -17.60 10.70 -16.08
C LYS B 3 -17.66 10.70 -14.56
N SER B 4 -18.87 10.80 -14.04
CA SER B 4 -19.08 10.93 -12.60
C SER B 4 -18.54 9.71 -11.86
N LYS B 5 -17.92 9.95 -10.70
CA LYS B 5 -17.46 8.89 -9.82
C LYS B 5 -18.43 8.60 -8.66
N ASN B 6 -19.61 9.21 -8.65
CA ASN B 6 -20.54 9.02 -7.55
C ASN B 6 -21.12 7.59 -7.57
N PRO B 7 -21.33 7.00 -6.40
CA PRO B 7 -21.68 5.55 -6.37
C PRO B 7 -22.85 5.18 -7.24
N GLU B 8 -23.96 5.89 -7.12
CA GLU B 8 -25.14 5.52 -7.87
C GLU B 8 -24.87 5.67 -9.37
N ASP B 9 -24.13 6.71 -9.76
CA ASP B 9 -23.84 6.94 -11.17
C ASP B 9 -22.96 5.84 -11.75
N VAL B 10 -21.88 5.48 -11.05
CA VAL B 10 -20.96 4.46 -11.55
C VAL B 10 -21.65 3.12 -11.68
N VAL B 11 -22.40 2.72 -10.64
CA VAL B 11 -23.02 1.40 -10.66
C VAL B 11 -24.06 1.32 -11.76
N ARG B 12 -24.87 2.36 -11.91
CA ARG B 12 -25.86 2.40 -12.98
C ARG B 12 -25.22 2.33 -14.36
N ARG B 13 -24.01 2.86 -14.50
CA ARG B 13 -23.33 2.85 -15.78
C ARG B 13 -23.01 1.43 -16.25
N TYR B 14 -22.70 0.51 -15.34
CA TYR B 14 -22.27 -0.83 -15.72
C TYR B 14 -23.28 -1.93 -15.39
N MET B 15 -24.40 -1.60 -14.77
CA MET B 15 -25.39 -2.61 -14.41
C MET B 15 -26.54 -2.55 -15.41
N GLN B 16 -26.85 -3.71 -15.98
CA GLN B 16 -27.96 -3.84 -16.91
C GLN B 16 -29.15 -4.30 -16.10
N LYS B 17 -30.25 -3.55 -16.17
CA LYS B 17 -31.41 -3.92 -15.37
C LYS B 17 -31.89 -5.30 -15.77
N VAL B 18 -32.24 -6.11 -14.78
CA VAL B 18 -32.80 -7.44 -15.03
C VAL B 18 -34.19 -7.45 -14.42
N LYS B 19 -35.19 -7.64 -15.28
CA LYS B 19 -36.57 -7.49 -14.84
C LYS B 19 -37.03 -8.69 -14.02
N ASN B 20 -36.64 -9.90 -14.42
CA ASN B 20 -37.12 -11.13 -13.79
C ASN B 20 -35.89 -11.90 -13.30
N PRO B 21 -35.33 -11.53 -12.15
CA PRO B 21 -34.10 -12.17 -11.66
C PRO B 21 -34.36 -13.59 -11.18
N PRO B 22 -33.33 -14.42 -11.09
CA PRO B 22 -33.50 -15.75 -10.52
C PRO B 22 -33.64 -15.71 -9.01
N ASP B 23 -34.16 -16.81 -8.47
CA ASP B 23 -34.30 -17.00 -7.02
C ASP B 23 -32.98 -17.51 -6.46
N GLU B 24 -31.94 -16.69 -6.62
CA GLU B 24 -30.61 -17.01 -6.11
C GLU B 24 -30.11 -15.86 -5.25
N ASP B 25 -29.09 -16.16 -4.45
CA ASP B 25 -28.59 -15.17 -3.52
C ASP B 25 -27.82 -14.07 -4.25
N CYS B 26 -28.07 -12.84 -3.83
CA CYS B 26 -27.13 -11.74 -3.98
C CYS B 26 -25.96 -12.02 -3.04
N THR B 27 -24.75 -12.17 -3.59
CA THR B 27 -23.59 -12.56 -2.79
C THR B 27 -22.91 -11.38 -2.12
N ILE B 28 -23.51 -10.19 -2.17
CA ILE B 28 -23.11 -9.04 -1.36
C ILE B 28 -23.89 -9.06 -0.05
N CYS B 29 -25.22 -9.03 -0.12
CA CYS B 29 -26.04 -8.98 1.09
C CYS B 29 -26.50 -10.36 1.55
N MET B 30 -26.34 -11.38 0.70
CA MET B 30 -26.74 -12.77 0.97
C MET B 30 -28.24 -12.93 1.18
N GLU B 31 -29.04 -11.99 0.67
CA GLU B 31 -30.48 -12.20 0.51
C GLU B 31 -30.77 -12.56 -0.95
N ARG B 32 -31.91 -13.19 -1.17
CA ARG B 32 -32.27 -13.61 -2.52
C ARG B 32 -32.51 -12.41 -3.44
N LEU B 33 -32.14 -12.58 -4.71
CA LEU B 33 -32.29 -11.51 -5.68
C LEU B 33 -33.75 -11.17 -5.95
N VAL B 34 -34.68 -12.07 -5.58
CA VAL B 34 -36.10 -11.84 -5.81
C VAL B 34 -36.75 -11.12 -4.64
N THR B 35 -35.99 -10.80 -3.61
CA THR B 35 -36.48 -9.98 -2.51
C THR B 35 -35.62 -8.71 -2.43
N ALA B 36 -35.98 -7.85 -1.48
CA ALA B 36 -35.27 -6.59 -1.31
C ALA B 36 -33.84 -6.83 -0.83
N SER B 37 -32.94 -5.98 -1.30
CA SER B 37 -31.59 -5.93 -0.76
C SER B 37 -31.60 -5.98 0.75
N GLY B 38 -30.60 -6.64 1.32
CA GLY B 38 -30.42 -6.70 2.75
C GLY B 38 -29.76 -5.49 3.35
N TYR B 39 -29.35 -4.55 2.50
CA TYR B 39 -28.71 -3.32 2.95
C TYR B 39 -29.70 -2.41 3.65
N GLU B 40 -29.30 -1.90 4.81
CA GLU B 40 -30.04 -0.86 5.50
C GLU B 40 -29.06 0.26 5.83
N GLY B 41 -29.45 1.51 5.57
CA GLY B 41 -28.57 2.62 5.84
C GLY B 41 -28.95 3.83 5.02
N VAL B 42 -28.02 4.81 5.04
CA VAL B 42 -28.32 6.14 4.52
C VAL B 42 -28.59 6.14 3.02
N LEU B 43 -28.03 5.16 2.30
CA LEU B 43 -28.23 5.09 0.84
C LEU B 43 -29.58 4.52 0.47
N ARG B 44 -30.24 3.83 1.40
CA ARG B 44 -31.53 3.23 1.13
C ARG B 44 -32.62 4.28 1.08
N HIS B 45 -32.37 5.47 1.63
CA HIS B 45 -33.37 6.51 1.74
C HIS B 45 -33.95 6.80 0.36
N LYS B 46 -33.19 7.49 -0.49
CA LYS B 46 -33.67 7.85 -1.81
C LYS B 46 -32.55 7.64 -2.82
N GLY B 47 -32.94 7.25 -4.03
CA GLY B 47 -31.99 7.06 -5.11
C GLY B 47 -32.11 5.70 -5.79
N VAL B 48 -31.98 4.61 -5.03
CA VAL B 48 -32.08 3.27 -5.59
C VAL B 48 -33.11 2.47 -4.80
N ARG B 49 -34.11 1.96 -5.53
CA ARG B 49 -35.13 1.07 -4.99
C ARG B 49 -34.52 -0.24 -4.50
N PRO B 50 -34.91 -0.75 -3.32
CA PRO B 50 -34.19 -1.92 -2.77
C PRO B 50 -34.39 -3.21 -3.55
N GLU B 51 -35.46 -3.33 -4.33
CA GLU B 51 -35.75 -4.55 -5.08
C GLU B 51 -35.01 -4.61 -6.41
N LEU B 52 -34.43 -3.48 -6.84
CA LEU B 52 -33.85 -3.41 -8.17
C LEU B 52 -32.61 -4.30 -8.27
N VAL B 53 -32.58 -5.11 -9.32
CA VAL B 53 -31.46 -6.01 -9.57
C VAL B 53 -30.83 -5.64 -10.90
N GLY B 54 -29.50 -5.75 -10.95
CA GLY B 54 -28.77 -5.48 -12.15
C GLY B 54 -27.76 -6.57 -12.41
N ARG B 55 -27.39 -6.68 -13.68
CA ARG B 55 -26.38 -7.60 -14.16
C ARG B 55 -25.16 -6.86 -14.71
N LEU B 56 -23.96 -7.36 -14.39
CA LEU B 56 -22.74 -6.80 -14.94
C LEU B 56 -22.53 -7.45 -16.31
N GLY B 57 -22.49 -6.61 -17.35
CA GLY B 57 -22.29 -7.00 -18.74
C GLY B 57 -21.34 -8.13 -19.09
N ARG B 58 -20.05 -7.98 -18.80
CA ARG B 58 -19.08 -8.92 -19.34
C ARG B 58 -19.13 -10.26 -18.62
N CYS B 59 -19.28 -10.25 -17.29
CA CYS B 59 -19.23 -11.46 -16.48
C CYS B 59 -20.60 -12.06 -16.22
N GLY B 60 -21.67 -11.28 -16.35
CA GLY B 60 -23.02 -11.77 -16.12
C GLY B 60 -23.45 -11.89 -14.67
N HIS B 61 -22.61 -11.50 -13.72
CA HIS B 61 -22.96 -11.65 -12.31
C HIS B 61 -23.96 -10.58 -11.89
N MET B 62 -24.90 -10.98 -11.05
CA MET B 62 -26.08 -10.20 -10.70
C MET B 62 -26.07 -9.81 -9.23
N TYR B 63 -26.57 -8.62 -8.93
CA TYR B 63 -26.66 -8.11 -7.57
C TYR B 63 -27.85 -7.16 -7.49
N HIS B 64 -28.39 -6.99 -6.28
CA HIS B 64 -29.20 -5.81 -6.01
C HIS B 64 -28.36 -4.56 -6.30
N LEU B 65 -28.92 -3.62 -7.06
CA LEU B 65 -28.18 -2.39 -7.34
C LEU B 65 -27.77 -1.70 -6.05
N LEU B 66 -28.69 -1.65 -5.08
CA LEU B 66 -28.38 -0.99 -3.84
C LEU B 66 -27.16 -1.61 -3.18
N CYS B 67 -27.03 -2.93 -3.28
CA CYS B 67 -25.89 -3.60 -2.65
C CYS B 67 -24.57 -3.21 -3.30
N LEU B 68 -24.51 -3.15 -4.63
CA LEU B 68 -23.28 -2.78 -5.30
C LEU B 68 -22.96 -1.30 -5.11
N VAL B 69 -24.00 -0.45 -5.03
CA VAL B 69 -23.80 0.94 -4.65
C VAL B 69 -23.17 1.01 -3.27
N ALA B 70 -23.70 0.23 -2.33
CA ALA B 70 -23.15 0.24 -0.97
C ALA B 70 -21.70 -0.19 -0.98
N MET B 71 -21.37 -1.29 -1.66
CA MET B 71 -20.00 -1.73 -1.69
C MET B 71 -19.10 -0.64 -2.25
N TYR B 72 -19.49 -0.08 -3.38
CA TYR B 72 -18.67 0.91 -4.03
C TYR B 72 -18.50 2.15 -3.14
N SER B 73 -19.58 2.57 -2.49
CA SER B 73 -19.50 3.76 -1.63
C SER B 73 -18.51 3.56 -0.49
N ASN B 74 -18.27 2.31 -0.08
CA ASN B 74 -17.33 2.01 1.00
C ASN B 74 -15.89 1.86 0.55
N GLY B 75 -15.60 1.97 -0.74
CA GLY B 75 -14.26 1.85 -1.27
C GLY B 75 -13.63 3.20 -1.58
N ASN B 76 -12.65 3.19 -2.49
CA ASN B 76 -11.93 4.40 -2.89
C ASN B 76 -12.77 5.30 -3.79
N LYS B 77 -13.85 4.79 -4.38
CA LYS B 77 -14.69 5.57 -5.27
C LYS B 77 -13.86 6.25 -6.37
N ASP B 78 -13.02 5.47 -7.03
CA ASP B 78 -12.12 5.98 -8.06
C ASP B 78 -12.70 5.87 -9.46
N GLY B 79 -13.99 5.53 -9.60
CA GLY B 79 -14.60 5.37 -10.89
C GLY B 79 -14.54 3.97 -11.46
N SER B 80 -13.77 3.07 -10.83
CA SER B 80 -13.70 1.68 -11.21
C SER B 80 -14.56 0.85 -10.28
N LEU B 81 -15.15 -0.21 -10.85
CA LEU B 81 -16.10 -1.08 -10.17
C LEU B 81 -15.61 -2.51 -10.33
N GLN B 82 -15.46 -3.23 -9.23
CA GLN B 82 -15.02 -4.61 -9.29
C GLN B 82 -16.16 -5.56 -8.96
N CYS B 83 -16.32 -6.59 -9.78
CA CYS B 83 -17.29 -7.64 -9.50
C CYS B 83 -16.86 -8.42 -8.25
N PRO B 84 -17.69 -8.48 -7.21
CA PRO B 84 -17.28 -9.21 -6.01
C PRO B 84 -17.11 -10.70 -6.22
N THR B 85 -17.72 -11.26 -7.26
CA THR B 85 -17.69 -12.70 -7.49
C THR B 85 -16.44 -13.12 -8.26
N CYS B 86 -16.20 -12.50 -9.41
CA CYS B 86 -15.13 -12.89 -10.31
C CYS B 86 -14.02 -11.86 -10.40
N LYS B 87 -14.13 -10.74 -9.69
CA LYS B 87 -13.06 -9.75 -9.58
C LYS B 87 -12.75 -9.06 -10.90
N ALA B 88 -13.58 -9.24 -11.92
CA ALA B 88 -13.47 -8.43 -13.14
C ALA B 88 -13.66 -6.95 -12.82
N ILE B 89 -13.02 -6.09 -13.63
CA ILE B 89 -12.98 -4.65 -13.39
C ILE B 89 -13.70 -3.92 -14.49
N TYR B 90 -14.58 -3.02 -14.11
CA TYR B 90 -15.32 -2.16 -15.01
C TYR B 90 -14.95 -0.71 -14.73
N GLY B 91 -14.92 0.09 -15.79
CA GLY B 91 -14.59 1.49 -15.66
C GLY B 91 -13.10 1.71 -15.56
N GLU B 92 -12.76 3.00 -15.45
CA GLU B 92 -11.38 3.45 -15.44
C GLU B 92 -11.06 4.09 -14.10
N LYS B 93 -9.99 3.62 -13.45
CA LYS B 93 -9.52 4.26 -12.22
C LYS B 93 -8.89 5.63 -12.54
N THR B 94 -9.36 6.67 -11.87
CA THR B 94 -8.70 7.96 -11.89
C THR B 94 -8.53 8.44 -10.45
N GLY B 95 -7.64 9.41 -10.28
CA GLY B 95 -7.27 9.84 -8.94
C GLY B 95 -7.65 11.27 -8.63
N THR B 96 -6.99 11.84 -7.61
CA THR B 96 -7.34 13.16 -7.10
C THR B 96 -6.18 14.14 -7.25
N GLN B 97 -5.25 13.82 -8.13
CA GLN B 97 -4.11 14.70 -8.41
C GLN B 97 -4.59 16.14 -8.69
N PRO B 98 -4.00 17.13 -8.03
CA PRO B 98 -4.39 18.52 -8.29
C PRO B 98 -3.79 18.99 -9.58
N PRO B 99 -4.11 20.21 -10.01
CA PRO B 99 -3.58 20.71 -11.29
C PRO B 99 -2.07 20.86 -11.26
N GLY B 100 -1.45 20.69 -12.43
CA GLY B 100 -0.03 20.93 -12.56
C GLY B 100 0.43 20.67 -13.97
N LYS B 101 1.74 20.50 -14.10
CA LYS B 101 2.38 20.28 -15.40
C LYS B 101 3.33 19.10 -15.34
N MET B 102 3.36 18.31 -16.41
CA MET B 102 4.32 17.24 -16.57
C MET B 102 5.10 17.48 -17.85
N GLU B 103 6.43 17.46 -17.76
CA GLU B 103 7.32 17.65 -18.91
C GLU B 103 8.36 16.54 -18.92
N PHE B 104 8.92 16.23 -20.09
CA PHE B 104 10.05 15.31 -20.12
C PHE B 104 11.01 15.72 -21.23
N HIS B 105 12.29 15.40 -21.05
CA HIS B 105 13.22 15.46 -22.17
C HIS B 105 14.43 14.61 -21.83
N LEU B 106 15.37 14.57 -22.77
CA LEU B 106 16.54 13.72 -22.67
C LEU B 106 17.72 14.49 -22.12
N ILE B 107 18.52 13.83 -21.27
CA ILE B 107 19.77 14.42 -20.80
C ILE B 107 20.93 13.47 -21.13
N PRO B 108 22.12 14.00 -21.42
CA PRO B 108 23.22 13.19 -22.00
C PRO B 108 24.08 12.56 -20.91
N HIS B 109 23.42 11.82 -20.04
CA HIS B 109 24.09 11.19 -18.92
C HIS B 109 23.36 9.88 -18.63
N SER B 110 24.14 8.80 -18.51
CA SER B 110 23.59 7.48 -18.22
C SER B 110 23.35 7.30 -16.73
N LEU B 111 22.25 6.60 -16.41
CA LEU B 111 21.98 6.25 -15.03
C LEU B 111 22.90 5.11 -14.60
N PRO B 112 23.24 5.02 -13.31
CA PRO B 112 23.90 3.79 -12.80
C PRO B 112 23.15 2.54 -13.20
N GLY B 113 23.88 1.56 -13.74
CA GLY B 113 23.29 0.32 -14.18
C GLY B 113 22.72 0.34 -15.58
N PHE B 114 22.79 1.47 -16.28
CA PHE B 114 22.31 1.57 -17.66
C PHE B 114 23.42 2.22 -18.49
N PRO B 115 24.57 1.56 -18.61
CA PRO B 115 25.68 2.16 -19.37
C PRO B 115 25.30 2.44 -20.80
N ASP B 116 25.96 3.44 -21.35
CA ASP B 116 25.86 3.76 -22.78
C ASP B 116 24.44 4.13 -23.17
N THR B 117 23.70 4.81 -22.28
CA THR B 117 22.39 5.36 -22.59
C THR B 117 22.34 6.84 -22.27
N GLN B 118 21.31 7.49 -22.83
CA GLN B 118 20.87 8.77 -22.33
C GLN B 118 19.73 8.53 -21.35
N THR B 119 19.33 9.58 -20.67
CA THR B 119 18.32 9.49 -19.62
C THR B 119 17.12 10.36 -19.90
N ILE B 120 15.95 9.77 -19.73
CA ILE B 120 14.69 10.50 -19.73
C ILE B 120 14.53 11.14 -18.38
N ARG B 121 14.44 12.47 -18.37
CA ARG B 121 14.12 13.23 -17.18
C ARG B 121 12.68 13.71 -17.24
N ILE B 122 11.87 13.31 -16.26
CA ILE B 122 10.50 13.76 -16.13
C ILE B 122 10.52 14.85 -15.07
N VAL B 123 9.82 15.93 -15.35
CA VAL B 123 9.69 17.02 -14.39
C VAL B 123 8.22 17.23 -14.14
N TYR B 124 7.85 17.18 -12.87
CA TYR B 124 6.50 17.46 -12.41
C TYR B 124 6.50 18.79 -11.67
N ASP B 125 5.52 19.64 -11.95
CA ASP B 125 5.41 20.91 -11.24
C ASP B 125 3.97 21.13 -10.83
N ILE B 126 3.73 21.17 -9.52
CA ILE B 126 2.38 21.27 -8.98
C ILE B 126 2.34 22.47 -8.04
N PRO B 127 1.54 23.49 -8.31
CA PRO B 127 1.44 24.62 -7.40
C PRO B 127 0.50 24.34 -6.25
N THR B 128 0.63 25.16 -5.22
CA THR B 128 -0.30 25.10 -4.11
C THR B 128 -1.69 25.47 -4.62
N GLY B 129 -2.70 25.16 -3.82
CA GLY B 129 -4.05 25.46 -4.22
C GLY B 129 -5.02 25.25 -3.09
N ILE B 130 -6.31 25.16 -3.46
CA ILE B 130 -7.41 24.90 -2.54
C ILE B 130 -7.90 23.47 -2.80
N GLN B 131 -8.05 22.71 -1.72
CA GLN B 131 -8.51 21.33 -1.81
C GLN B 131 -9.95 21.25 -2.31
N GLY B 132 -10.20 20.28 -3.17
CA GLY B 132 -11.53 20.04 -3.69
C GLY B 132 -12.31 19.07 -2.85
N PRO B 133 -13.54 18.78 -3.30
CA PRO B 133 -14.41 17.89 -2.52
C PRO B 133 -13.87 16.49 -2.39
N GLU B 134 -13.02 16.07 -3.32
CA GLU B 134 -12.42 14.75 -3.29
C GLU B 134 -11.25 14.65 -2.32
N HIS B 135 -10.83 15.74 -1.73
CA HIS B 135 -9.61 15.82 -0.95
C HIS B 135 -9.91 15.74 0.55
N PRO B 136 -8.86 15.58 1.39
CA PRO B 136 -9.12 15.33 2.83
C PRO B 136 -9.88 16.44 3.54
N ASN B 137 -9.61 17.71 3.21
CA ASN B 137 -10.20 18.88 3.86
C ASN B 137 -10.65 19.86 2.80
N PRO B 138 -11.77 19.57 2.13
CA PRO B 138 -12.27 20.45 1.08
C PRO B 138 -12.37 21.88 1.57
N GLY B 139 -11.88 22.82 0.76
CA GLY B 139 -11.93 24.23 1.08
C GLY B 139 -10.70 24.78 1.77
N LYS B 140 -9.88 23.92 2.36
CA LYS B 140 -8.61 24.30 2.98
C LYS B 140 -7.47 24.27 1.96
N LYS B 141 -6.47 25.12 2.19
CA LYS B 141 -5.27 25.11 1.38
C LYS B 141 -4.55 23.75 1.45
N PHE B 142 -3.79 23.47 0.41
CA PHE B 142 -2.79 22.42 0.44
C PHE B 142 -1.45 23.02 0.06
N THR B 143 -0.38 22.51 0.67
CA THR B 143 0.98 22.91 0.33
C THR B 143 1.53 21.96 -0.73
N ALA B 144 2.62 22.37 -1.35
CA ALA B 144 3.26 21.60 -2.42
C ALA B 144 4.76 21.78 -2.24
N ARG B 145 5.45 20.74 -1.77
CA ARG B 145 6.85 20.80 -1.38
C ARG B 145 7.75 20.17 -2.42
N GLY B 146 8.88 20.83 -2.68
CA GLY B 146 9.91 20.23 -3.49
C GLY B 146 9.66 20.26 -4.97
N PHE B 147 8.71 21.07 -5.44
CA PHE B 147 8.49 21.18 -6.87
C PHE B 147 9.32 22.31 -7.45
N PRO B 148 9.82 22.13 -8.68
CA PRO B 148 9.62 20.97 -9.57
C PRO B 148 10.35 19.73 -9.07
N ARG B 149 9.63 18.59 -9.14
CA ARG B 149 10.22 17.31 -8.78
C ARG B 149 10.77 16.63 -10.03
N HIS B 150 12.04 16.25 -9.99
CA HIS B 150 12.73 15.61 -11.11
C HIS B 150 12.80 14.10 -10.86
N CYS B 151 12.52 13.32 -11.91
CA CYS B 151 12.50 11.87 -11.87
C CYS B 151 13.25 11.35 -13.09
N TYR B 152 13.75 10.11 -13.01
CA TYR B 152 14.64 9.62 -14.06
C TYR B 152 14.29 8.21 -14.51
N LEU B 153 14.43 8.00 -15.81
CA LEU B 153 14.31 6.70 -16.47
C LEU B 153 15.40 6.58 -17.52
N PRO B 154 15.93 5.38 -17.74
CA PRO B 154 16.86 5.22 -18.87
C PRO B 154 16.12 5.32 -20.19
N ASN B 155 16.79 5.91 -21.19
CA ASN B 155 16.21 5.98 -22.53
C ASN B 155 16.54 4.69 -23.27
N ASN B 156 15.80 3.65 -22.92
CA ASN B 156 15.81 2.38 -23.64
C ASN B 156 14.35 1.94 -23.84
N GLU B 157 14.18 0.78 -24.43
CA GLU B 157 12.84 0.29 -24.77
C GLU B 157 11.92 0.26 -23.55
N LYS B 158 12.39 -0.32 -22.45
CA LYS B 158 11.52 -0.47 -21.29
C LYS B 158 11.31 0.88 -20.59
N GLY B 159 12.35 1.74 -20.55
CA GLY B 159 12.19 3.07 -19.99
C GLY B 159 11.19 3.90 -20.78
N ARG B 160 11.18 3.75 -22.10
CA ARG B 160 10.24 4.50 -22.92
C ARG B 160 8.82 4.00 -22.71
N LYS B 161 8.66 2.69 -22.52
CA LYS B 161 7.35 2.14 -22.20
C LYS B 161 6.85 2.70 -20.87
N VAL B 162 7.72 2.70 -19.86
CA VAL B 162 7.32 3.29 -18.58
C VAL B 162 6.94 4.76 -18.76
N LEU B 163 7.73 5.53 -19.52
CA LEU B 163 7.38 6.92 -19.76
C LEU B 163 5.99 7.06 -20.36
N ARG B 164 5.67 6.28 -21.41
CA ARG B 164 4.35 6.36 -22.01
C ARG B 164 3.26 6.10 -20.97
N LEU B 165 3.46 5.11 -20.13
CA LEU B 165 2.45 4.73 -19.14
C LEU B 165 2.35 5.77 -18.03
N LEU B 166 3.48 6.34 -17.60
CA LEU B 166 3.42 7.41 -16.61
C LEU B 166 2.64 8.61 -17.15
N ILE B 167 2.78 8.92 -18.43
CA ILE B 167 1.99 10.02 -19.00
C ILE B 167 0.49 9.73 -18.89
N THR B 168 0.08 8.51 -19.22
CA THR B 168 -1.32 8.12 -19.09
C THR B 168 -1.78 8.21 -17.63
N ALA B 169 -0.94 7.74 -16.70
CA ALA B 169 -1.29 7.83 -15.28
C ALA B 169 -1.43 9.29 -14.86
N TRP B 170 -0.53 10.15 -15.33
CA TRP B 170 -0.65 11.59 -15.09
C TRP B 170 -1.98 12.11 -15.63
N GLU B 171 -2.35 11.72 -16.85
CA GLU B 171 -3.60 12.17 -17.44
C GLU B 171 -4.81 11.66 -16.67
N ARG B 172 -4.66 10.51 -16.02
CA ARG B 172 -5.71 9.95 -15.19
C ARG B 172 -5.60 10.41 -13.74
N ARG B 173 -4.75 11.41 -13.45
CA ARG B 173 -4.66 12.04 -12.13
C ARG B 173 -4.28 11.04 -11.05
N LEU B 174 -3.36 10.15 -11.41
CA LEU B 174 -2.92 9.06 -10.53
C LEU B 174 -1.51 9.24 -9.97
N ILE B 175 -0.72 10.20 -10.45
CA ILE B 175 0.68 10.26 -10.00
C ILE B 175 0.79 10.82 -8.56
N PHE B 176 0.05 11.89 -8.29
CA PHE B 176 0.06 12.55 -6.99
C PHE B 176 -1.35 12.61 -6.40
N THR B 177 -1.39 12.84 -5.09
CA THR B 177 -2.64 13.08 -4.37
C THR B 177 -2.38 14.13 -3.30
N ILE B 178 -3.42 14.46 -2.54
CA ILE B 178 -3.28 15.32 -1.38
C ILE B 178 -3.39 14.44 -0.16
N GLY B 179 -2.42 14.52 0.73
CA GLY B 179 -2.43 13.68 1.90
C GLY B 179 -1.29 14.04 2.85
N THR B 180 -0.75 13.03 3.53
CA THR B 180 0.29 13.24 4.52
C THR B 180 1.62 12.72 4.04
N SER B 181 2.65 13.55 4.14
CA SER B 181 4.01 13.20 3.71
C SER B 181 4.61 12.12 4.59
N ASN B 182 5.11 11.05 3.97
CA ASN B 182 5.89 10.04 4.69
C ASN B 182 7.26 10.53 5.12
N THR B 183 7.76 11.64 4.58
CA THR B 183 9.09 12.10 4.95
C THR B 183 9.06 13.10 6.11
N THR B 184 8.04 13.92 6.18
CA THR B 184 7.93 14.96 7.20
C THR B 184 6.72 14.84 8.09
N GLY B 185 5.74 14.01 7.74
CA GLY B 185 4.49 14.02 8.45
C GLY B 185 3.55 15.17 8.12
N GLU B 186 3.94 16.10 7.25
CA GLU B 186 3.07 17.23 6.95
C GLU B 186 1.76 16.75 6.32
N SER B 187 0.64 17.24 6.85
CA SER B 187 -0.64 16.89 6.29
C SER B 187 -1.06 17.93 5.24
N ASP B 188 -2.14 17.61 4.52
CA ASP B 188 -2.71 18.54 3.54
C ASP B 188 -1.66 19.03 2.55
N THR B 189 -0.91 18.07 2.01
CA THR B 189 0.19 18.41 1.14
C THR B 189 0.20 17.46 -0.05
N VAL B 190 0.85 17.89 -1.14
CA VAL B 190 0.91 17.07 -2.34
C VAL B 190 1.90 15.94 -2.10
N VAL B 191 1.46 14.69 -2.27
CA VAL B 191 2.31 13.54 -2.03
C VAL B 191 2.23 12.59 -3.21
N TRP B 192 3.29 11.80 -3.34
CA TRP B 192 3.27 10.68 -4.26
C TRP B 192 2.15 9.72 -3.88
N ASN B 193 1.53 9.15 -4.89
CA ASN B 193 0.52 8.13 -4.72
C ASN B 193 1.22 6.77 -4.80
N GLU B 194 0.69 5.82 -5.59
CA GLU B 194 1.16 4.45 -5.48
C GLU B 194 2.11 4.05 -6.61
N ILE B 195 2.73 5.01 -7.29
CA ILE B 195 3.59 4.69 -8.43
C ILE B 195 4.96 5.27 -8.12
N HIS B 196 5.93 4.40 -7.82
CA HIS B 196 7.23 4.86 -7.35
C HIS B 196 8.02 5.49 -8.50
N HIS B 197 8.66 6.59 -8.20
CA HIS B 197 9.52 7.27 -9.13
C HIS B 197 10.93 7.34 -8.55
N LYS B 198 11.91 7.37 -9.44
CA LYS B 198 13.31 7.49 -9.05
C LYS B 198 13.72 8.97 -9.13
N THR B 199 13.95 9.56 -7.96
CA THR B 199 14.28 10.97 -7.81
C THR B 199 15.75 11.22 -7.50
N GLU B 200 16.55 10.18 -7.36
CA GLU B 200 17.96 10.30 -7.04
C GLU B 200 18.73 9.75 -8.23
N PHE B 201 19.52 10.62 -8.89
CA PHE B 201 20.08 10.27 -10.20
C PHE B 201 21.22 9.26 -10.12
N GLY B 202 22.26 9.60 -9.35
CA GLY B 202 23.53 8.94 -9.50
C GLY B 202 23.88 8.02 -8.36
N SER B 203 22.94 7.73 -7.49
CA SER B 203 23.15 6.90 -6.29
C SER B 203 21.78 6.51 -5.75
N ASN B 204 21.81 5.66 -4.71
CA ASN B 204 20.59 5.11 -4.13
C ASN B 204 20.64 5.19 -2.60
N LEU B 205 21.23 6.26 -2.08
CA LEU B 205 21.27 6.46 -0.64
C LEU B 205 19.88 6.70 -0.06
N THR B 206 18.91 7.16 -0.87
CA THR B 206 17.55 7.38 -0.39
C THR B 206 16.64 6.16 -0.56
N GLY B 207 17.05 5.16 -1.31
CA GLY B 207 16.16 4.12 -1.74
C GLY B 207 15.33 4.48 -2.94
N HIS B 208 15.40 5.75 -3.41
CA HIS B 208 14.66 6.21 -4.56
C HIS B 208 15.60 6.55 -5.72
N GLY B 209 16.71 5.83 -5.79
CA GLY B 209 17.73 6.06 -6.79
C GLY B 209 18.20 4.83 -7.53
N TYR B 210 19.35 4.96 -8.15
CA TYR B 210 19.92 3.94 -9.02
C TYR B 210 21.31 3.62 -8.50
N PRO B 211 21.84 2.43 -8.81
CA PRO B 211 21.27 1.40 -9.68
C PRO B 211 20.14 0.64 -9.00
N ASP B 212 19.23 0.11 -9.81
CA ASP B 212 18.12 -0.70 -9.31
C ASP B 212 17.58 -1.51 -10.49
N ALA B 213 18.03 -2.76 -10.61
CA ALA B 213 17.71 -3.58 -11.77
C ALA B 213 16.24 -4.02 -11.78
N SER B 214 15.55 -3.90 -10.65
N SER B 214 15.55 -3.90 -10.66
CA SER B 214 14.16 -4.33 -10.55
CA SER B 214 14.16 -4.32 -10.58
C SER B 214 13.17 -3.18 -10.60
C SER B 214 13.18 -3.19 -10.87
N TYR B 215 13.63 -1.93 -10.80
CA TYR B 215 12.73 -0.80 -10.73
C TYR B 215 11.74 -0.78 -11.89
N LEU B 216 12.22 -0.92 -13.12
CA LEU B 216 11.31 -0.79 -14.24
C LEU B 216 10.21 -1.85 -14.20
N ASP B 217 10.57 -3.10 -13.92
CA ASP B 217 9.53 -4.13 -13.80
C ASP B 217 8.60 -3.83 -12.64
N ASN B 218 9.13 -3.33 -11.53
CA ASN B 218 8.30 -2.99 -10.38
C ASN B 218 7.32 -1.88 -10.71
N VAL B 219 7.78 -0.81 -11.36
CA VAL B 219 6.84 0.29 -11.63
C VAL B 219 5.82 -0.14 -12.69
N LEU B 220 6.21 -1.00 -13.63
CA LEU B 220 5.23 -1.50 -14.59
C LEU B 220 4.12 -2.24 -13.86
N ALA B 221 4.48 -3.02 -12.83
CA ALA B 221 3.47 -3.73 -12.05
C ALA B 221 2.63 -2.75 -11.26
N GLU B 222 3.24 -1.70 -10.72
CA GLU B 222 2.48 -0.71 -9.99
C GLU B 222 1.50 0.00 -10.90
N LEU B 223 1.93 0.31 -12.13
CA LEU B 223 1.03 0.95 -13.08
C LEU B 223 -0.13 0.04 -13.44
N THR B 224 0.15 -1.24 -13.68
CA THR B 224 -0.91 -2.20 -13.99
C THR B 224 -1.92 -2.27 -12.84
N ALA B 225 -1.43 -2.23 -11.60
CA ALA B 225 -2.30 -2.28 -10.43
C ALA B 225 -3.22 -1.06 -10.36
N GLN B 226 -2.83 0.05 -10.97
CA GLN B 226 -3.71 1.21 -11.06
C GLN B 226 -4.46 1.28 -12.37
N GLY B 227 -4.52 0.17 -13.11
CA GLY B 227 -5.30 0.13 -14.33
C GLY B 227 -4.62 0.72 -15.54
N VAL B 228 -3.30 0.90 -15.51
CA VAL B 228 -2.58 1.57 -16.58
C VAL B 228 -1.63 0.56 -17.21
N SER B 229 -1.97 0.08 -18.42
CA SER B 229 -1.20 -0.98 -19.07
C SER B 229 -1.17 -0.77 -20.57
N GLU B 230 -0.17 -1.41 -21.19
CA GLU B 230 -0.04 -1.57 -22.64
C GLU B 230 -0.08 -3.05 -22.96
N ALA B 231 -0.82 -3.41 -24.01
CA ALA B 231 -0.84 -4.81 -24.46
C ALA B 231 0.15 -5.03 -25.61
#